data_3PE6
#
_entry.id   3PE6
#
_cell.length_a   93.947
_cell.length_b   128.145
_cell.length_c   60.602
_cell.angle_alpha   90.00
_cell.angle_beta   90.00
_cell.angle_gamma   90.00
#
_symmetry.space_group_name_H-M   'C 2 2 21'
#
loop_
_entity.id
_entity.type
_entity.pdbx_description
1 polymer 'Monoglyceride lipase'
2 non-polymer (2-cyclohexyl-1,3-benzoxazol-6-yl){3-[4-(pyrimidin-2-yl)piperazin-1-yl]azetidin-1-yl}methanone
3 water water
#
_entity_poly.entity_id   1
_entity_poly.type   'polypeptide(L)'
_entity_poly.pdbx_seq_one_letter_code
;MPEESSPRRTPQSIPYQDLPHLVNADGQYLFCRYWAPTGTPKALIFVSHGAGEHSGRYEELARMLMGLDLLVFAHDHVGH
GQSEGERMVVSDFHVFVRDVLQHVDSMQKDYPGLPVFLLGHSMGGAIAILTAAERPGHFAGMVLISPLVLANPESATTFK
VLAAKVLNSVLPNLSSGPIDSSVLSRNKTEVDIYNSDPLICRAGLKVCFGIQLLNAVSRVERALPKLTVPFLLLQGSADR
LCDSKGAYLLMELAKSQDKTLKIYEGAYHVLHKELPEVTNSVFHEINMWVSQRTATAGTASPP
;
_entity_poly.pdbx_strand_id   A
#
loop_
_chem_comp.id
_chem_comp.type
_chem_comp.name
_chem_comp.formula
ZYH non-polymer (2-cyclohexyl-1,3-benzoxazol-6-yl){3-[4-(pyrimidin-2-yl)piperazin-1-yl]azetidin-1-yl}methanone 'C25 H30 N6 O2'
#
# COMPACT_ATOMS: atom_id res chain seq x y z
N PRO A 7 25.20 3.27 16.43
CA PRO A 7 24.26 2.24 15.92
C PRO A 7 23.03 2.89 15.33
N ARG A 8 22.74 2.55 14.08
CA ARG A 8 21.57 3.08 13.45
CA ARG A 8 21.55 3.11 13.40
C ARG A 8 20.34 2.45 14.09
N ARG A 9 19.34 3.29 14.43
CA ARG A 9 18.16 2.84 15.18
C ARG A 9 16.89 3.22 14.48
N THR A 10 15.83 2.42 14.68
CA THR A 10 14.51 2.81 14.22
C THR A 10 14.05 4.10 14.93
N PRO A 11 13.00 4.77 14.41
CA PRO A 11 12.49 5.95 15.08
C PRO A 11 12.00 5.65 16.48
N GLN A 12 11.82 4.40 16.84
CA GLN A 12 11.45 4.00 18.17
C GLN A 12 12.65 3.59 19.07
N SER A 13 13.85 3.80 18.52
CA SER A 13 15.12 3.61 19.29
CA SER A 13 15.16 3.67 19.17
C SER A 13 15.69 2.21 19.27
N ILE A 14 15.22 1.32 18.38
CA ILE A 14 15.66 -0.08 18.39
CA ILE A 14 15.66 -0.06 18.37
C ILE A 14 16.75 -0.22 17.32
N PRO A 15 17.88 -0.86 17.69
CA PRO A 15 18.93 -1.02 16.67
C PRO A 15 18.51 -1.87 15.47
N TYR A 16 18.79 -1.37 14.27
CA TYR A 16 18.50 -2.16 13.07
C TYR A 16 19.27 -3.48 13.06
N GLN A 17 20.44 -3.56 13.71
CA GLN A 17 21.19 -4.80 13.65
C GLN A 17 20.43 -6.00 14.19
N ASP A 18 19.41 -5.74 14.99
CA ASP A 18 18.62 -6.74 15.64
C ASP A 18 17.35 -7.11 14.84
N LEU A 19 17.12 -6.43 13.76
CA LEU A 19 15.83 -6.49 13.03
C LEU A 19 16.04 -6.81 11.55
N PRO A 20 15.07 -7.44 10.89
CA PRO A 20 15.18 -7.59 9.43
C PRO A 20 15.10 -6.21 8.77
N HIS A 21 16.01 -5.94 7.84
CA HIS A 21 16.05 -4.63 7.23
C HIS A 21 16.67 -4.69 5.86
N LEU A 22 16.59 -3.56 5.16
CA LEU A 22 17.27 -3.34 3.88
C LEU A 22 17.64 -1.87 3.83
N VAL A 23 18.70 -1.57 3.08
CA VAL A 23 19.09 -0.17 2.93
C VAL A 23 18.76 0.25 1.50
N ASN A 24 17.96 1.30 1.34
CA ASN A 24 17.51 1.72 0.03
C ASN A 24 18.60 2.56 -0.68
N ALA A 25 18.31 2.95 -1.92
CA ALA A 25 19.31 3.62 -2.73
C ALA A 25 19.75 4.98 -2.17
N ASP A 26 18.96 5.55 -1.28
CA ASP A 26 19.28 6.80 -0.64
C ASP A 26 20.02 6.60 0.70
N GLY A 27 20.36 5.34 1.01
CA GLY A 27 21.08 5.08 2.24
C GLY A 27 20.20 5.01 3.47
N GLN A 28 18.87 4.89 3.29
CA GLN A 28 17.93 4.82 4.42
C GLN A 28 17.58 3.37 4.72
N TYR A 29 17.54 3.07 6.01
CA TYR A 29 17.18 1.75 6.47
C TYR A 29 15.65 1.62 6.45
N LEU A 30 15.20 0.52 5.82
CA LEU A 30 13.79 0.15 5.79
C LEU A 30 13.61 -1.11 6.62
N PHE A 31 12.65 -1.12 7.51
CA PHE A 31 12.31 -2.30 8.30
C PHE A 31 11.52 -3.28 7.39
N CYS A 32 11.88 -4.56 7.48
CA CYS A 32 11.28 -5.65 6.66
C CYS A 32 10.55 -6.63 7.52
N ARG A 33 9.61 -7.29 6.89
CA ARG A 33 8.81 -8.35 7.54
C ARG A 33 8.62 -9.49 6.57
N TYR A 34 8.70 -10.73 7.10
CA TYR A 34 8.61 -11.90 6.27
C TYR A 34 7.68 -12.91 6.95
N TRP A 35 6.92 -13.64 6.11
CA TRP A 35 6.12 -14.77 6.58
C TRP A 35 6.31 -15.93 5.59
N ALA A 36 7.15 -16.89 6.01
CA ALA A 36 7.61 -17.96 5.11
C ALA A 36 6.98 -19.26 5.52
N PRO A 37 6.51 -20.02 4.53
CA PRO A 37 5.97 -21.33 4.88
C PRO A 37 7.13 -22.33 5.21
N THR A 38 6.79 -23.48 5.74
CA THR A 38 7.80 -24.45 6.17
C THR A 38 8.57 -25.02 4.99
N GLY A 39 7.90 -25.30 3.88
CA GLY A 39 8.58 -25.85 2.72
C GLY A 39 8.83 -24.88 1.57
N THR A 40 9.16 -25.41 0.40
CA THR A 40 9.38 -24.63 -0.81
C THR A 40 8.10 -23.83 -1.13
N PRO A 41 8.20 -22.48 -1.19
CA PRO A 41 6.99 -21.72 -1.51
C PRO A 41 6.57 -21.96 -2.96
N LYS A 42 5.29 -21.73 -3.25
CA LYS A 42 4.76 -21.83 -4.61
C LYS A 42 4.90 -20.52 -5.36
N ALA A 43 5.01 -19.41 -4.62
CA ALA A 43 5.09 -18.07 -5.17
C ALA A 43 5.47 -17.12 -4.04
N LEU A 44 5.86 -15.93 -4.46
CA LEU A 44 6.20 -14.82 -3.60
C LEU A 44 5.08 -13.79 -3.69
N ILE A 45 4.85 -13.06 -2.61
CA ILE A 45 3.90 -11.94 -2.65
C ILE A 45 4.39 -10.81 -1.75
N PHE A 46 4.50 -9.64 -2.37
CA PHE A 46 4.88 -8.42 -1.64
C PHE A 46 3.61 -7.64 -1.22
N VAL A 47 3.59 -7.27 0.04
CA VAL A 47 2.49 -6.52 0.60
C VAL A 47 2.93 -5.04 0.78
N SER A 48 2.17 -4.15 0.17
CA SER A 48 2.43 -2.71 0.12
C SER A 48 1.34 -1.95 0.92
N HIS A 49 1.75 -1.42 2.06
CA HIS A 49 0.87 -0.76 2.97
C HIS A 49 0.61 0.68 2.50
N GLY A 50 -0.36 1.33 3.10
CA GLY A 50 -0.74 2.69 2.70
C GLY A 50 -0.10 3.77 3.58
N ALA A 51 -0.49 4.99 3.26
CA ALA A 51 0.03 6.18 3.95
C ALA A 51 -0.37 6.13 5.42
N GLY A 52 0.54 6.55 6.31
CA GLY A 52 0.24 6.63 7.71
C GLY A 52 0.23 5.35 8.48
N GLU A 53 0.37 4.21 7.80
CA GLU A 53 0.38 2.91 8.51
C GLU A 53 1.72 2.22 8.27
N HIS A 54 1.72 0.89 8.32
CA HIS A 54 3.01 0.16 8.25
C HIS A 54 2.68 -1.31 8.00
N SER A 55 3.70 -2.13 7.81
CA SER A 55 3.54 -3.50 7.41
C SER A 55 2.91 -4.40 8.48
N GLY A 56 3.03 -4.04 9.74
CA GLY A 56 2.49 -4.86 10.83
C GLY A 56 0.96 -4.91 10.84
N ARG A 57 0.31 -3.98 10.13
CA ARG A 57 -1.10 -3.93 10.08
C ARG A 57 -1.69 -5.05 9.14
N TYR A 58 -0.83 -5.84 8.51
CA TYR A 58 -1.21 -6.86 7.54
C TYR A 58 -0.99 -8.30 8.06
N GLU A 59 -0.71 -8.42 9.38
CA GLU A 59 -0.39 -9.69 9.95
C GLU A 59 -1.38 -10.81 9.60
N GLU A 60 -2.67 -10.57 9.76
CA GLU A 60 -3.62 -11.64 9.54
C GLU A 60 -3.72 -12.05 8.05
N LEU A 61 -3.73 -11.06 7.17
CA LEU A 61 -3.76 -11.31 5.72
CA LEU A 61 -3.77 -11.34 5.76
C LEU A 61 -2.50 -12.09 5.33
N ALA A 62 -1.35 -11.67 5.86
CA ALA A 62 -0.11 -12.34 5.50
C ALA A 62 -0.12 -13.80 5.98
N ARG A 63 -0.62 -14.04 7.19
CA ARG A 63 -0.67 -15.40 7.68
C ARG A 63 -1.56 -16.30 6.80
N MET A 64 -2.67 -15.76 6.32
CA MET A 64 -3.55 -16.49 5.39
CA MET A 64 -3.53 -16.51 5.41
C MET A 64 -2.81 -16.85 4.11
N LEU A 65 -2.10 -15.89 3.57
CA LEU A 65 -1.40 -16.09 2.31
C LEU A 65 -0.22 -17.08 2.49
N MET A 66 0.46 -17.02 3.61
CA MET A 66 1.52 -17.95 3.88
CA MET A 66 1.53 -17.96 3.92
C MET A 66 0.92 -19.38 4.03
N GLY A 67 -0.30 -19.46 4.57
CA GLY A 67 -1.04 -20.74 4.67
C GLY A 67 -1.40 -21.38 3.32
N LEU A 68 -1.37 -20.57 2.25
CA LEU A 68 -1.49 -21.04 0.87
C LEU A 68 -0.15 -21.40 0.26
N ASP A 69 0.89 -21.45 1.10
CA ASP A 69 2.25 -21.80 0.65
C ASP A 69 2.93 -20.71 -0.17
N LEU A 70 2.56 -19.46 0.06
CA LEU A 70 3.30 -18.35 -0.52
C LEU A 70 4.29 -17.76 0.55
N LEU A 71 5.44 -17.30 0.07
CA LEU A 71 6.34 -16.52 0.90
C LEU A 71 5.90 -15.05 0.78
N VAL A 72 5.43 -14.53 1.88
CA VAL A 72 4.93 -13.16 1.94
C VAL A 72 6.03 -12.28 2.46
N PHE A 73 6.20 -11.11 1.87
CA PHE A 73 7.27 -10.22 2.31
C PHE A 73 6.80 -8.76 2.19
N ALA A 74 7.37 -7.86 2.98
CA ALA A 74 6.96 -6.49 3.03
C ALA A 74 8.10 -5.67 3.60
N HIS A 75 7.99 -4.35 3.45
CA HIS A 75 8.77 -3.42 4.23
C HIS A 75 7.87 -2.23 4.57
N ASP A 76 8.35 -1.47 5.59
CA ASP A 76 7.73 -0.20 5.90
C ASP A 76 8.28 0.81 4.89
N HIS A 77 7.41 1.49 4.14
CA HIS A 77 7.86 2.49 3.19
C HIS A 77 8.64 3.58 3.95
N VAL A 78 9.54 4.25 3.24
CA VAL A 78 10.30 5.31 3.86
CA VAL A 78 10.29 5.39 3.77
C VAL A 78 9.32 6.30 4.51
N GLY A 79 9.72 6.79 5.68
CA GLY A 79 8.88 7.70 6.44
C GLY A 79 7.75 7.05 7.18
N HIS A 80 7.75 5.71 7.26
CA HIS A 80 6.64 5.01 7.88
C HIS A 80 7.18 3.97 8.84
N GLY A 81 6.33 3.64 9.83
CA GLY A 81 6.59 2.51 10.71
C GLY A 81 7.96 2.57 11.33
N GLN A 82 8.69 1.47 11.19
CA GLN A 82 10.00 1.33 11.78
C GLN A 82 11.13 1.67 10.82
N SER A 83 10.79 2.19 9.67
CA SER A 83 11.81 2.66 8.71
C SER A 83 12.26 4.05 9.02
N GLU A 84 13.40 4.41 8.47
CA GLU A 84 13.93 5.76 8.57
C GLU A 84 13.14 6.72 7.68
N GLY A 85 13.45 8.01 7.87
CA GLY A 85 12.88 9.08 7.11
C GLY A 85 12.01 10.00 7.88
N GLU A 86 11.99 11.28 7.53
CA GLU A 86 11.00 12.20 8.15
C GLU A 86 9.59 11.58 7.93
N ARG A 87 8.72 11.67 8.95
CA ARG A 87 7.47 10.94 8.91
C ARG A 87 6.53 11.50 7.82
N MET A 88 6.04 10.57 7.01
CA MET A 88 5.04 10.86 5.98
CA MET A 88 5.04 10.90 6.01
C MET A 88 5.49 12.06 5.11
N VAL A 89 6.73 11.99 4.64
N VAL A 89 6.74 11.93 4.63
CA VAL A 89 7.16 12.80 3.55
CA VAL A 89 7.41 12.81 3.69
C VAL A 89 8.10 11.98 2.69
C VAL A 89 8.08 11.89 2.66
N VAL A 90 8.14 12.32 1.41
CA VAL A 90 8.95 11.60 0.45
C VAL A 90 9.42 12.59 -0.62
N SER A 91 10.69 12.47 -1.02
CA SER A 91 11.27 13.42 -1.97
C SER A 91 10.45 13.46 -3.30
N ASP A 92 10.11 12.27 -3.78
CA ASP A 92 9.26 12.05 -4.96
C ASP A 92 8.62 10.68 -4.78
N PHE A 93 7.36 10.59 -5.19
CA PHE A 93 6.57 9.36 -5.01
C PHE A 93 7.31 8.15 -5.56
N HIS A 94 8.12 8.34 -6.61
CA HIS A 94 8.78 7.24 -7.23
C HIS A 94 9.73 6.48 -6.26
N VAL A 95 10.23 7.17 -5.25
CA VAL A 95 11.03 6.51 -4.27
C VAL A 95 10.36 5.22 -3.74
N PHE A 96 9.06 5.31 -3.46
CA PHE A 96 8.34 4.14 -2.95
C PHE A 96 8.40 2.99 -3.92
N VAL A 97 8.22 3.28 -5.20
CA VAL A 97 8.21 2.24 -6.22
C VAL A 97 9.63 1.64 -6.41
N ARG A 98 10.62 2.50 -6.50
CA ARG A 98 12.02 2.09 -6.56
C ARG A 98 12.34 1.11 -5.41
N ASP A 99 11.91 1.44 -4.22
CA ASP A 99 12.26 0.65 -3.05
C ASP A 99 11.50 -0.70 -3.07
N VAL A 100 10.25 -0.71 -3.52
CA VAL A 100 9.55 -1.99 -3.75
C VAL A 100 10.31 -2.88 -4.74
N LEU A 101 10.73 -2.27 -5.85
CA LEU A 101 11.42 -3.01 -6.90
C LEU A 101 12.78 -3.56 -6.37
N GLN A 102 13.48 -2.81 -5.50
CA GLN A 102 14.70 -3.32 -4.89
C GLN A 102 14.38 -4.57 -4.11
N HIS A 103 13.38 -4.51 -3.26
CA HIS A 103 13.04 -5.62 -2.40
C HIS A 103 12.60 -6.84 -3.23
N VAL A 104 11.73 -6.59 -4.20
CA VAL A 104 11.27 -7.68 -5.06
C VAL A 104 12.46 -8.34 -5.79
N ASP A 105 13.33 -7.52 -6.36
CA ASP A 105 14.48 -8.05 -7.07
C ASP A 105 15.39 -8.88 -6.15
N SER A 106 15.59 -8.40 -4.93
CA SER A 106 16.45 -9.10 -3.99
CA SER A 106 16.47 -9.12 -4.03
CA SER A 106 16.43 -9.11 -3.97
C SER A 106 15.83 -10.47 -3.59
N MET A 107 14.53 -10.48 -3.37
CA MET A 107 13.81 -11.71 -2.98
CA MET A 107 13.85 -11.72 -2.98
C MET A 107 13.82 -12.69 -4.16
N GLN A 108 13.59 -12.18 -5.36
CA GLN A 108 13.47 -13.04 -6.54
C GLN A 108 14.78 -13.79 -6.80
N LYS A 109 15.92 -13.12 -6.56
CA LYS A 109 17.20 -13.80 -6.82
C LYS A 109 17.45 -14.92 -5.84
N ASP A 110 16.86 -14.83 -4.66
CA ASP A 110 16.97 -15.88 -3.62
C ASP A 110 15.99 -17.06 -3.97
N TYR A 111 14.91 -16.78 -4.70
CA TYR A 111 13.89 -17.76 -5.11
C TYR A 111 13.64 -17.69 -6.62
N PRO A 112 14.67 -18.03 -7.40
CA PRO A 112 14.63 -17.76 -8.83
C PRO A 112 13.54 -18.64 -9.42
N GLY A 113 12.86 -18.14 -10.41
CA GLY A 113 11.82 -18.94 -11.07
C GLY A 113 10.44 -18.86 -10.39
N LEU A 114 10.29 -18.40 -9.15
CA LEU A 114 8.97 -18.34 -8.57
C LEU A 114 8.21 -17.13 -9.07
N PRO A 115 6.91 -17.28 -9.36
CA PRO A 115 6.08 -16.15 -9.71
C PRO A 115 5.97 -15.17 -8.54
N VAL A 116 5.78 -13.90 -8.84
CA VAL A 116 5.68 -12.85 -7.82
CA VAL A 116 5.69 -12.83 -7.84
C VAL A 116 4.39 -12.06 -8.02
N PHE A 117 3.64 -11.95 -6.94
CA PHE A 117 2.43 -11.17 -6.85
C PHE A 117 2.65 -9.91 -6.01
N LEU A 118 1.75 -8.95 -6.17
CA LEU A 118 1.69 -7.76 -5.37
C LEU A 118 0.31 -7.65 -4.71
N LEU A 119 0.29 -7.14 -3.49
CA LEU A 119 -0.95 -6.81 -2.80
C LEU A 119 -0.76 -5.42 -2.22
N GLY A 120 -1.73 -4.55 -2.49
CA GLY A 120 -1.62 -3.21 -1.97
C GLY A 120 -2.97 -2.63 -1.57
N HIS A 121 -2.93 -1.75 -0.58
CA HIS A 121 -4.12 -1.02 -0.11
C HIS A 121 -3.88 0.47 -0.20
N SER A 122 -4.84 1.21 -0.78
CA SER A 122 -4.84 2.68 -0.72
C SER A 122 -3.61 3.22 -1.43
N MET A 123 -2.83 4.09 -0.81
CA MET A 123 -1.55 4.52 -1.44
C MET A 123 -0.71 3.34 -1.86
N GLY A 124 -0.73 2.28 -1.07
CA GLY A 124 0.05 1.08 -1.38
C GLY A 124 -0.45 0.37 -2.63
N GLY A 125 -1.72 0.55 -2.96
CA GLY A 125 -2.29 0.11 -4.22
C GLY A 125 -1.81 0.92 -5.42
N ALA A 126 -1.68 2.23 -5.25
CA ALA A 126 -1.05 3.04 -6.30
C ALA A 126 0.39 2.62 -6.51
N ILE A 127 1.11 2.34 -5.42
CA ILE A 127 2.49 1.90 -5.53
C ILE A 127 2.54 0.57 -6.29
N ALA A 128 1.63 -0.32 -5.99
CA ALA A 128 1.54 -1.61 -6.70
C ALA A 128 1.29 -1.42 -8.19
N ILE A 129 0.33 -0.58 -8.53
CA ILE A 129 0.00 -0.33 -9.94
C ILE A 129 1.27 0.18 -10.65
N LEU A 130 1.95 1.18 -10.08
CA LEU A 130 3.10 1.78 -10.70
C LEU A 130 4.28 0.84 -10.78
N THR A 131 4.43 -0.05 -9.82
CA THR A 131 5.49 -1.07 -9.83
C THR A 131 5.25 -2.04 -11.00
N ALA A 132 4.02 -2.53 -11.12
CA ALA A 132 3.67 -3.44 -12.22
C ALA A 132 3.89 -2.76 -13.57
N ALA A 133 3.52 -1.49 -13.65
CA ALA A 133 3.65 -0.84 -14.91
C ALA A 133 5.08 -0.56 -15.31
N GLU A 134 5.97 -0.45 -14.34
CA GLU A 134 7.40 -0.23 -14.62
C GLU A 134 8.13 -1.49 -15.07
N ARG A 135 7.51 -2.67 -14.84
CA ARG A 135 8.05 -3.97 -15.27
C ARG A 135 6.99 -4.72 -16.05
N PRO A 136 6.70 -4.25 -17.24
CA PRO A 136 5.61 -4.86 -18.01
C PRO A 136 5.81 -6.37 -18.25
N GLY A 137 4.78 -7.14 -17.94
CA GLY A 137 4.77 -8.56 -18.10
C GLY A 137 5.43 -9.37 -17.05
N HIS A 138 5.93 -8.74 -15.99
CA HIS A 138 6.77 -9.44 -15.05
C HIS A 138 5.99 -10.07 -13.86
N PHE A 139 5.03 -9.32 -13.31
CA PHE A 139 4.29 -9.79 -12.13
C PHE A 139 3.20 -10.78 -12.55
N ALA A 140 2.97 -11.76 -11.70
CA ALA A 140 1.94 -12.81 -11.94
C ALA A 140 0.53 -12.30 -11.68
N GLY A 141 0.40 -11.32 -10.81
CA GLY A 141 -0.89 -10.85 -10.40
C GLY A 141 -0.77 -9.78 -9.32
N MET A 142 -1.86 -9.01 -9.18
CA MET A 142 -2.00 -8.03 -8.11
CA MET A 142 -2.00 -7.98 -8.22
C MET A 142 -3.38 -8.08 -7.54
N VAL A 143 -3.41 -7.91 -6.23
CA VAL A 143 -4.58 -7.77 -5.45
C VAL A 143 -4.62 -6.35 -4.88
N LEU A 144 -5.67 -5.61 -5.21
CA LEU A 144 -5.78 -4.22 -4.85
C LEU A 144 -7.02 -4.03 -3.97
N ILE A 145 -6.78 -3.54 -2.75
CA ILE A 145 -7.83 -3.26 -1.82
C ILE A 145 -7.96 -1.73 -1.74
N SER A 146 -9.01 -1.21 -2.33
CA SER A 146 -9.33 0.22 -2.43
CA SER A 146 -9.31 0.22 -2.33
C SER A 146 -8.07 1.03 -2.78
N PRO A 147 -7.50 0.75 -3.96
CA PRO A 147 -6.27 1.42 -4.37
C PRO A 147 -6.60 2.88 -4.63
N LEU A 148 -5.61 3.71 -4.43
CA LEU A 148 -5.65 5.14 -4.76
C LEU A 148 -5.53 5.33 -6.30
N VAL A 149 -6.68 5.49 -6.95
CA VAL A 149 -6.76 5.70 -8.40
C VAL A 149 -7.34 7.05 -8.67
N LEU A 150 -8.50 7.34 -8.08
CA LEU A 150 -9.08 8.68 -8.08
C LEU A 150 -9.43 9.04 -6.66
N ALA A 151 -9.03 10.20 -6.24
CA ALA A 151 -9.40 10.66 -4.94
C ALA A 151 -10.84 11.19 -4.94
N ASN A 152 -11.41 11.24 -3.76
CA ASN A 152 -12.65 11.93 -3.54
C ASN A 152 -12.56 13.33 -4.12
N PRO A 153 -13.46 13.68 -5.04
CA PRO A 153 -13.28 14.93 -5.79
C PRO A 153 -13.30 16.17 -4.91
N GLU A 154 -14.21 16.20 -3.93
CA GLU A 154 -14.22 17.35 -3.03
C GLU A 154 -12.92 17.44 -2.21
N SER A 155 -12.45 16.31 -1.68
CA SER A 155 -11.18 16.30 -0.94
C SER A 155 -9.99 16.73 -1.76
N ALA A 156 -9.93 16.26 -2.99
CA ALA A 156 -8.83 16.61 -3.88
C ALA A 156 -8.85 18.10 -4.16
N THR A 157 -10.05 18.65 -4.42
CA THR A 157 -10.12 20.08 -4.69
C THR A 157 -9.73 20.90 -3.47
N THR A 158 -10.24 20.49 -2.31
CA THR A 158 -9.88 21.16 -1.04
C THR A 158 -8.35 21.19 -0.90
N PHE A 159 -7.71 20.05 -1.15
CA PHE A 159 -6.30 19.93 -0.96
C PHE A 159 -5.56 20.82 -1.97
N LYS A 160 -6.00 20.84 -3.24
CA LYS A 160 -5.33 21.66 -4.23
C LYS A 160 -5.43 23.13 -3.86
N VAL A 161 -6.58 23.55 -3.37
CA VAL A 161 -6.72 24.96 -2.93
C VAL A 161 -5.81 25.28 -1.75
N LEU A 162 -5.75 24.40 -0.78
CA LEU A 162 -4.87 24.54 0.39
C LEU A 162 -3.41 24.62 -0.05
N ALA A 163 -3.00 23.69 -0.89
CA ALA A 163 -1.62 23.63 -1.35
C ALA A 163 -1.28 24.94 -2.06
N ALA A 164 -2.20 25.47 -2.88
CA ALA A 164 -1.92 26.71 -3.59
C ALA A 164 -1.77 27.90 -2.61
N LYS A 165 -2.67 27.99 -1.61
CA LYS A 165 -2.60 29.04 -0.60
C LYS A 165 -1.28 28.94 0.14
N VAL A 166 -0.89 27.72 0.49
CA VAL A 166 0.28 27.56 1.32
C VAL A 166 1.48 27.94 0.55
N LEU A 167 1.55 27.49 -0.70
CA LEU A 167 2.66 27.87 -1.56
C LEU A 167 2.60 29.33 -2.07
N ASN A 168 1.44 29.86 -2.44
CA ASN A 168 1.36 31.23 -3.07
C ASN A 168 1.18 32.42 -2.11
N SER A 169 1.05 32.14 -0.83
CA SER A 169 1.08 33.21 0.15
CA SER A 169 0.98 33.17 0.19
C SER A 169 1.95 32.81 1.31
N VAL A 170 2.82 31.81 1.09
CA VAL A 170 3.70 31.24 2.13
CA VAL A 170 3.71 31.26 2.12
C VAL A 170 3.02 31.20 3.51
N LEU A 171 1.86 30.55 3.58
CA LEU A 171 1.18 30.48 4.85
C LEU A 171 1.86 29.41 5.67
N PRO A 172 2.19 29.70 6.93
CA PRO A 172 2.96 28.77 7.77
C PRO A 172 2.09 27.89 8.64
N ASN A 173 2.64 26.80 9.18
CA ASN A 173 1.92 25.99 10.18
C ASN A 173 0.56 25.50 9.68
N LEU A 174 0.47 25.19 8.39
CA LEU A 174 -0.82 24.76 7.82
C LEU A 174 -0.56 23.47 7.07
N SER A 175 -1.29 22.45 7.43
CA SER A 175 -1.19 21.21 6.69
C SER A 175 -2.60 20.83 6.32
N SER A 176 -2.74 19.70 5.64
CA SER A 176 -4.05 19.18 5.41
C SER A 176 -4.43 18.39 6.69
N GLY A 177 -5.64 17.91 6.74
CA GLY A 177 -6.06 17.23 7.94
C GLY A 177 -5.38 15.86 8.15
N PRO A 178 -5.42 15.34 9.38
CA PRO A 178 -4.92 13.98 9.60
C PRO A 178 -5.81 12.94 9.04
N ILE A 179 -5.33 11.71 9.05
CA ILE A 179 -6.19 10.59 8.63
C ILE A 179 -7.31 10.42 9.63
N ASP A 180 -8.57 10.38 9.17
CA ASP A 180 -9.74 10.19 10.10
C ASP A 180 -10.21 8.77 9.98
N SER A 181 -9.67 7.94 10.83
CA SER A 181 -9.94 6.50 10.78
C SER A 181 -11.44 6.18 11.01
N SER A 182 -12.17 7.06 11.72
CA SER A 182 -13.54 6.75 12.04
C SER A 182 -14.47 6.76 10.83
N VAL A 183 -14.06 7.36 9.72
CA VAL A 183 -14.82 7.36 8.48
C VAL A 183 -14.27 6.37 7.46
N LEU A 184 -13.28 5.58 7.87
CA LEU A 184 -12.58 4.67 6.98
C LEU A 184 -12.81 3.20 7.31
N SER A 185 -13.46 2.91 8.41
CA SER A 185 -13.99 1.58 8.68
C SER A 185 -15.22 1.74 9.58
N ARG A 186 -16.25 0.91 9.36
CA ARG A 186 -17.41 0.85 10.23
C ARG A 186 -17.16 0.03 11.48
N ASN A 187 -16.06 -0.70 11.54
CA ASN A 187 -15.75 -1.54 12.68
C ASN A 187 -15.02 -0.72 13.76
N LYS A 188 -15.79 -0.33 14.75
CA LYS A 188 -15.28 0.59 15.81
C LYS A 188 -14.11 0.00 16.57
N THR A 189 -14.11 -1.31 16.76
CA THR A 189 -13.03 -1.95 17.45
C THR A 189 -11.73 -1.80 16.64
N GLU A 190 -11.80 -2.06 15.34
CA GLU A 190 -10.67 -1.89 14.43
C GLU A 190 -10.18 -0.46 14.39
N VAL A 191 -11.09 0.48 14.41
CA VAL A 191 -10.73 1.91 14.48
C VAL A 191 -9.86 2.16 15.77
N ASP A 192 -10.33 1.66 16.91
CA ASP A 192 -9.65 1.87 18.17
C ASP A 192 -8.25 1.21 18.17
N ILE A 193 -8.18 0.01 17.58
CA ILE A 193 -6.90 -0.73 17.48
C ILE A 193 -5.93 0.11 16.64
N TYR A 194 -6.40 0.62 15.49
CA TYR A 194 -5.56 1.41 14.62
C TYR A 194 -5.07 2.66 15.37
N ASN A 195 -6.01 3.37 15.99
CA ASN A 195 -5.65 4.64 16.62
C ASN A 195 -4.56 4.48 17.71
N SER A 196 -4.52 3.36 18.36
CA SER A 196 -3.56 3.19 19.45
CA SER A 196 -3.65 2.95 19.47
C SER A 196 -2.31 2.39 19.04
N ASP A 197 -2.15 2.18 17.72
CA ASP A 197 -0.97 1.52 17.18
C ASP A 197 0.22 2.55 17.28
N PRO A 198 1.32 2.17 17.98
CA PRO A 198 2.39 3.15 18.17
C PRO A 198 3.18 3.47 16.88
N LEU A 199 2.93 2.74 15.80
CA LEU A 199 3.72 2.88 14.59
C LEU A 199 3.01 3.63 13.47
N ILE A 200 1.80 4.10 13.69
CA ILE A 200 1.04 4.91 12.70
C ILE A 200 1.47 6.35 12.83
N CYS A 201 1.06 7.16 11.87
CA CYS A 201 1.23 8.61 11.94
C CYS A 201 -0.14 9.30 12.03
N ARG A 202 -0.35 10.06 13.11
CA ARG A 202 -1.62 10.74 13.37
C ARG A 202 -1.57 12.26 13.14
N ALA A 203 -0.47 12.73 12.57
CA ALA A 203 -0.30 14.14 12.33
C ALA A 203 -1.02 14.57 11.06
N GLY A 204 -1.26 15.87 10.92
CA GLY A 204 -1.81 16.36 9.67
C GLY A 204 -0.96 16.01 8.48
N LEU A 205 -1.58 15.69 7.35
CA LEU A 205 -0.83 15.40 6.14
CA LEU A 205 -0.83 15.40 6.13
C LEU A 205 -0.16 16.66 5.63
N LYS A 206 1.16 16.63 5.48
CA LYS A 206 1.86 17.81 5.02
C LYS A 206 1.58 18.10 3.55
N VAL A 207 1.58 19.38 3.20
CA VAL A 207 1.28 19.77 1.81
C VAL A 207 2.26 19.09 0.87
N CYS A 208 3.56 19.02 1.22
CA CYS A 208 4.51 18.39 0.29
C CYS A 208 4.16 16.90 0.01
N PHE A 209 3.61 16.22 1.01
CA PHE A 209 3.27 14.80 0.85
C PHE A 209 2.00 14.68 0.07
N GLY A 210 1.00 15.52 0.36
CA GLY A 210 -0.19 15.57 -0.46
C GLY A 210 0.08 15.79 -1.93
N ILE A 211 1.04 16.67 -2.21
CA ILE A 211 1.43 16.93 -3.61
C ILE A 211 1.95 15.62 -4.23
N GLN A 212 2.76 14.86 -3.48
CA GLN A 212 3.24 13.56 -3.99
C GLN A 212 2.08 12.57 -4.21
N LEU A 213 1.05 12.61 -3.36
CA LEU A 213 -0.12 11.74 -3.56
C LEU A 213 -0.89 12.18 -4.84
N LEU A 214 -0.98 13.49 -5.13
CA LEU A 214 -1.55 13.92 -6.38
C LEU A 214 -0.69 13.48 -7.58
N ASN A 215 0.62 13.53 -7.41
CA ASN A 215 1.51 12.99 -8.43
C ASN A 215 1.27 11.52 -8.69
N ALA A 216 1.04 10.76 -7.60
CA ALA A 216 0.72 9.34 -7.71
C ALA A 216 -0.54 9.16 -8.56
N VAL A 217 -1.59 9.91 -8.25
CA VAL A 217 -2.84 9.81 -8.97
C VAL A 217 -2.66 10.08 -10.48
N SER A 218 -1.92 11.12 -10.77
CA SER A 218 -1.60 11.48 -12.17
CA SER A 218 -1.63 11.48 -12.17
C SER A 218 -0.85 10.38 -12.87
N ARG A 219 0.14 9.83 -12.18
CA ARG A 219 0.96 8.79 -12.76
C ARG A 219 0.21 7.51 -12.92
N VAL A 220 -0.65 7.16 -11.96
CA VAL A 220 -1.50 6.02 -12.10
C VAL A 220 -2.37 6.12 -13.35
N GLU A 221 -2.98 7.27 -13.59
CA GLU A 221 -3.86 7.43 -14.74
C GLU A 221 -3.08 7.20 -16.03
N ARG A 222 -1.83 7.67 -16.11
CA ARG A 222 -0.99 7.44 -17.29
C ARG A 222 -0.59 6.00 -17.43
N ALA A 223 -0.43 5.30 -16.30
CA ALA A 223 -0.02 3.91 -16.35
C ALA A 223 -1.15 2.94 -16.73
N LEU A 224 -2.41 3.31 -16.44
CA LEU A 224 -3.53 2.36 -16.55
C LEU A 224 -3.62 1.72 -17.93
N PRO A 225 -3.54 2.50 -19.02
CA PRO A 225 -3.65 1.91 -20.36
C PRO A 225 -2.53 0.95 -20.75
N LYS A 226 -1.47 0.95 -19.97
CA LYS A 226 -0.31 0.10 -20.15
C LYS A 226 -0.35 -1.19 -19.29
N LEU A 227 -1.26 -1.25 -18.30
CA LEU A 227 -1.27 -2.36 -17.40
C LEU A 227 -1.80 -3.60 -18.05
N THR A 228 -1.08 -4.70 -17.93
CA THR A 228 -1.53 -5.99 -18.43
C THR A 228 -1.60 -7.08 -17.36
N VAL A 229 -1.09 -6.78 -16.17
CA VAL A 229 -1.01 -7.73 -15.09
C VAL A 229 -2.43 -8.20 -14.69
N PRO A 230 -2.61 -9.51 -14.39
CA PRO A 230 -3.90 -9.94 -13.83
C PRO A 230 -4.18 -9.24 -12.50
N PHE A 231 -5.44 -8.88 -12.23
CA PHE A 231 -5.75 -8.29 -10.95
C PHE A 231 -7.12 -8.61 -10.43
N LEU A 232 -7.21 -8.52 -9.11
CA LEU A 232 -8.43 -8.57 -8.34
C LEU A 232 -8.54 -7.20 -7.65
N LEU A 233 -9.66 -6.52 -7.86
CA LEU A 233 -9.89 -5.22 -7.30
C LEU A 233 -11.11 -5.32 -6.34
N LEU A 234 -10.91 -4.95 -5.10
CA LEU A 234 -11.93 -4.93 -4.04
C LEU A 234 -12.15 -3.48 -3.62
N GLN A 235 -13.41 -3.07 -3.64
CA GLN A 235 -13.73 -1.67 -3.40
C GLN A 235 -15.02 -1.57 -2.61
N GLY A 236 -15.06 -0.69 -1.61
CA GLY A 236 -16.26 -0.35 -0.89
C GLY A 236 -17.02 0.76 -1.59
N SER A 237 -18.34 0.69 -1.54
CA SER A 237 -19.13 1.73 -2.20
C SER A 237 -19.13 3.04 -1.41
N ALA A 238 -18.89 2.96 -0.11
CA ALA A 238 -18.92 4.17 0.76
C ALA A 238 -17.54 4.56 1.20
N ASP A 239 -16.62 4.41 0.29
CA ASP A 239 -15.21 4.79 0.50
C ASP A 239 -15.04 6.33 0.37
N ARG A 240 -14.70 6.98 1.48
CA ARG A 240 -14.55 8.44 1.52
C ARG A 240 -13.20 8.99 1.07
N LEU A 241 -12.25 8.12 0.77
CA LEU A 241 -10.90 8.50 0.43
C LEU A 241 -10.52 8.17 -1.01
N CYS A 242 -10.70 6.91 -1.38
CA CYS A 242 -10.42 6.42 -2.74
C CYS A 242 -11.77 6.24 -3.39
N ASP A 243 -12.13 7.19 -4.27
CA ASP A 243 -13.45 7.21 -4.77
C ASP A 243 -13.74 5.98 -5.65
N SER A 244 -14.92 5.38 -5.46
CA SER A 244 -15.21 4.16 -6.25
C SER A 244 -15.13 4.41 -7.79
N LYS A 245 -15.34 5.65 -8.25
CA LYS A 245 -15.14 5.94 -9.65
C LYS A 245 -13.77 5.53 -10.17
N GLY A 246 -12.76 5.54 -9.32
CA GLY A 246 -11.44 5.10 -9.71
C GLY A 246 -11.36 3.61 -9.94
N ALA A 247 -12.12 2.86 -9.16
CA ALA A 247 -12.16 1.42 -9.37
C ALA A 247 -12.74 1.13 -10.77
N TYR A 248 -13.79 1.87 -11.13
CA TYR A 248 -14.38 1.65 -12.43
C TYR A 248 -13.40 2.10 -13.54
N LEU A 249 -12.61 3.14 -13.32
CA LEU A 249 -11.65 3.62 -14.28
C LEU A 249 -10.53 2.59 -14.51
N LEU A 250 -10.08 1.94 -13.44
CA LEU A 250 -9.10 0.91 -13.55
C LEU A 250 -9.66 -0.26 -14.38
N MET A 251 -10.91 -0.67 -14.13
CA MET A 251 -11.51 -1.75 -14.92
C MET A 251 -11.63 -1.38 -16.36
N GLU A 252 -11.92 -0.11 -16.62
CA GLU A 252 -12.14 0.32 -18.00
C GLU A 252 -10.82 0.46 -18.76
N LEU A 253 -9.82 1.05 -18.18
CA LEU A 253 -8.61 1.43 -18.92
C LEU A 253 -7.50 0.38 -18.92
N ALA A 254 -7.41 -0.47 -17.89
CA ALA A 254 -6.35 -1.50 -17.89
C ALA A 254 -6.53 -2.46 -19.09
N LYS A 255 -5.45 -2.90 -19.70
CA LYS A 255 -5.52 -3.80 -20.82
C LYS A 255 -5.47 -5.28 -20.37
N SER A 256 -5.35 -5.51 -19.06
CA SER A 256 -5.27 -6.85 -18.50
CA SER A 256 -5.26 -6.84 -18.51
C SER A 256 -6.37 -7.73 -19.02
N GLN A 257 -5.99 -8.90 -19.44
CA GLN A 257 -6.96 -9.93 -19.85
C GLN A 257 -7.67 -10.61 -18.69
N ASP A 258 -7.13 -10.48 -17.48
CA ASP A 258 -7.72 -11.13 -16.29
C ASP A 258 -7.97 -10.07 -15.24
N LYS A 259 -9.17 -9.50 -15.22
CA LYS A 259 -9.51 -8.44 -14.29
C LYS A 259 -10.90 -8.65 -13.73
N THR A 260 -11.01 -8.52 -12.41
CA THR A 260 -12.23 -8.73 -11.67
C THR A 260 -12.40 -7.67 -10.61
N LEU A 261 -13.62 -7.19 -10.50
CA LEU A 261 -14.02 -6.21 -9.49
C LEU A 261 -15.12 -6.78 -8.59
N LYS A 262 -14.92 -6.67 -7.28
CA LYS A 262 -15.99 -6.95 -6.29
C LYS A 262 -16.26 -5.62 -5.55
N ILE A 263 -17.51 -5.17 -5.55
CA ILE A 263 -17.94 -3.99 -4.80
C ILE A 263 -18.65 -4.46 -3.56
N TYR A 264 -18.26 -3.90 -2.42
CA TYR A 264 -18.88 -4.16 -1.13
C TYR A 264 -19.80 -2.96 -0.80
N GLU A 265 -21.11 -3.18 -0.93
CA GLU A 265 -22.08 -2.14 -0.76
C GLU A 265 -22.16 -1.68 0.71
N GLY A 266 -21.96 -0.37 0.87
CA GLY A 266 -21.99 0.28 2.16
C GLY A 266 -20.68 0.24 2.92
N ALA A 267 -19.74 -0.54 2.46
CA ALA A 267 -18.48 -0.69 3.15
C ALA A 267 -17.60 0.55 2.95
N TYR A 268 -16.81 0.82 3.98
CA TYR A 268 -15.88 1.97 3.97
C TYR A 268 -14.51 1.52 3.39
N HIS A 269 -13.53 2.41 3.43
CA HIS A 269 -12.27 2.23 2.75
C HIS A 269 -11.45 0.99 3.17
N VAL A 270 -11.34 0.70 4.44
CA VAL A 270 -10.36 -0.29 4.89
C VAL A 270 -11.07 -1.68 4.96
N LEU A 271 -11.20 -2.27 3.79
CA LEU A 271 -12.04 -3.47 3.66
C LEU A 271 -11.52 -4.67 4.47
N HIS A 272 -10.21 -4.74 4.66
CA HIS A 272 -9.58 -5.83 5.44
C HIS A 272 -9.61 -5.58 6.93
N LYS A 273 -10.23 -4.45 7.36
CA LYS A 273 -10.44 -4.15 8.76
C LYS A 273 -11.82 -3.61 9.00
N GLU A 274 -12.77 -4.17 8.27
CA GLU A 274 -14.14 -3.72 8.23
C GLU A 274 -15.05 -4.60 9.13
N LEU A 275 -16.36 -4.48 9.00
CA LEU A 275 -17.27 -5.36 9.71
C LEU A 275 -16.92 -6.82 9.37
N PRO A 276 -17.14 -7.74 10.32
CA PRO A 276 -16.68 -9.11 10.07
C PRO A 276 -17.23 -9.73 8.79
N GLU A 277 -18.51 -9.47 8.44
CA GLU A 277 -19.05 -10.07 7.18
C GLU A 277 -18.25 -9.62 5.96
N VAL A 278 -17.85 -8.35 5.93
CA VAL A 278 -17.04 -7.85 4.83
C VAL A 278 -15.63 -8.40 4.90
N THR A 279 -14.96 -8.32 6.05
CA THR A 279 -13.56 -8.79 6.15
C THR A 279 -13.46 -10.29 5.90
N ASN A 280 -14.42 -11.05 6.38
CA ASN A 280 -14.36 -12.47 6.14
C ASN A 280 -14.48 -12.79 4.62
N SER A 281 -15.35 -12.05 3.95
CA SER A 281 -15.47 -12.18 2.49
C SER A 281 -14.23 -11.76 1.75
N VAL A 282 -13.64 -10.63 2.16
CA VAL A 282 -12.39 -10.15 1.56
C VAL A 282 -11.30 -11.25 1.64
N PHE A 283 -11.13 -11.82 2.83
CA PHE A 283 -10.13 -12.86 2.99
C PHE A 283 -10.42 -14.06 2.08
N HIS A 284 -11.69 -14.47 2.03
CA HIS A 284 -12.11 -15.61 1.23
C HIS A 284 -11.83 -15.34 -0.25
N GLU A 285 -12.21 -14.15 -0.72
CA GLU A 285 -12.05 -13.82 -2.14
C GLU A 285 -10.55 -13.81 -2.53
N ILE A 286 -9.73 -13.22 -1.67
CA ILE A 286 -8.28 -13.19 -1.96
C ILE A 286 -7.72 -14.59 -1.95
N ASN A 287 -8.12 -15.40 -0.95
CA ASN A 287 -7.64 -16.78 -0.88
C ASN A 287 -7.99 -17.52 -2.19
N MET A 288 -9.24 -17.46 -2.63
CA MET A 288 -9.61 -18.16 -3.87
CA MET A 288 -9.64 -18.15 -3.87
C MET A 288 -8.86 -17.64 -5.09
N TRP A 289 -8.74 -16.33 -5.17
CA TRP A 289 -8.16 -15.75 -6.39
C TRP A 289 -6.66 -16.10 -6.48
N VAL A 290 -5.93 -16.00 -5.36
CA VAL A 290 -4.54 -16.39 -5.34
C VAL A 290 -4.34 -17.90 -5.49
N SER A 291 -5.17 -18.69 -4.81
CA SER A 291 -5.11 -20.15 -4.92
C SER A 291 -5.24 -20.60 -6.37
N GLN A 292 -6.21 -20.02 -7.09
CA GLN A 292 -6.43 -20.41 -8.48
C GLN A 292 -5.28 -20.09 -9.40
N ARG A 293 -4.52 -19.10 -9.05
CA ARG A 293 -3.44 -18.57 -9.86
C ARG A 293 -2.07 -19.04 -9.39
N THR A 294 -2.03 -19.97 -8.43
CA THR A 294 -0.77 -20.57 -7.97
C THR A 294 -0.88 -22.10 -7.91
N ALA A 295 -1.93 -22.64 -8.46
CA ALA A 295 -2.18 -24.09 -8.45
C ALA A 295 -1.07 -24.93 -9.13
O01 ZYH B . -2.85 5.35 1.82
C02 ZYH B . -3.63 5.96 2.56
C03 ZYH B . -4.04 7.36 2.26
C04 ZYH B . -4.12 8.27 3.34
C05 ZYH B . -4.45 9.62 3.17
C06 ZYH B . -4.73 10.04 1.86
N07 ZYH B . -5.14 11.29 1.32
C08 ZYH B . -5.32 11.08 0.06
O09 ZYH B . -5.03 9.78 -0.32
C10 ZYH B . -4.68 9.09 0.85
C11 ZYH B . -4.34 7.76 0.97
C12 ZYH B . -5.83 11.97 -1.07
C13 ZYH B . -6.44 13.22 -0.49
C14 ZYH B . -6.77 14.27 -1.55
C15 ZYH B . -5.55 14.57 -2.40
C16 ZYH B . -5.06 13.29 -3.06
C17 ZYH B . -4.68 12.23 -1.98
N18 ZYH B . -4.13 5.36 3.64
C19 ZYH B . -4.01 3.97 4.13
C20 ZYH B . -5.38 4.17 4.85
C21 ZYH B . -5.32 5.67 4.46
N22 ZYH B . -5.45 3.88 6.27
C23 ZYH B . -6.64 4.49 6.87
C24 ZYH B . -6.70 4.23 8.35
N25 ZYH B . -6.68 2.80 8.56
C26 ZYH B . -5.50 2.09 7.99
C27 ZYH B . -5.35 2.44 6.51
C28 ZYH B . -7.62 2.15 9.39
N29 ZYH B . -8.69 2.89 9.71
C30 ZYH B . -9.59 2.25 10.44
C31 ZYH B . -9.49 0.93 10.84
C32 ZYH B . -8.36 0.26 10.46
N33 ZYH B . -7.40 0.84 9.71
H041 ZYH B . -3.83 7.93 4.34
H051 ZYH B . -4.49 10.33 3.99
H111 ZYH B . -4.30 7.10 0.11
H121 ZYH B . -6.63 11.43 -1.64
H131 ZYH B . -7.37 12.97 0.07
H132 ZYH B . -5.75 13.66 0.26
H141 ZYH B . -7.64 13.99 -2.18
H142 ZYH B . -7.14 15.21 -1.07
H151 ZYH B . -5.75 15.38 -3.13
H152 ZYH B . -4.74 15.01 -1.77
H161 ZYH B . -5.81 12.91 -3.80
H162 ZYH B . -4.19 13.51 -3.74
H171 ZYH B . -4.31 11.29 -2.46
H172 ZYH B . -3.84 12.62 -1.39
H191 ZYH B . -4.06 3.16 3.36
H192 ZYH B . -3.18 3.69 4.82
H201 ZYH B . -6.30 3.77 4.38
H211 ZYH B . -5.06 6.34 5.30
H212 ZYH B . -6.24 6.03 3.98
H231 ZYH B . -6.68 5.57 6.65
H232 ZYH B . -7.55 4.08 6.38
H241 ZYH B . -5.86 4.74 8.87
H242 ZYH B . -7.61 4.68 8.80
H261 ZYH B . -5.55 1.00 8.14
H262 ZYH B . -4.57 2.42 8.49
H271 ZYH B . -6.12 1.91 5.90
H272 ZYH B . -4.41 2.01 6.11
H301 ZYH B . -10.49 2.81 10.74
H311 ZYH B . -10.27 0.45 11.43
H321 ZYH B . -8.21 -0.77 10.78
#